data_6WUF
#
_entry.id   6WUF
#
_cell.length_a   49.956
_cell.length_b   87.877
_cell.length_c   53.289
_cell.angle_alpha   90.000
_cell.angle_beta   113.450
_cell.angle_gamma   90.000
#
_symmetry.space_group_name_H-M   'P 1 21 1'
#
loop_
_entity.id
_entity.type
_entity.pdbx_description
1 polymer 'Decapping and exoribonuclease protein'
2 non-polymer '[(2R,3S,4R,5R)-5-(6-amino-9H-purin-9-yl)-4-hydroxy-3-(phosphonooxy)tetrahydrofuran-2-yl]methyl (2R,3S,4S)-5-(7,8-dimethyl-2,4-dioxo-3,4-dihydrobenzo[g]pteridin-10(2H)-yl)-2,3,4-trihydroxypentyl dihydrogen diphosphate (non-preferred name)'
3 non-polymer 1,2-ETHANEDIOL
4 water water
#
_entity_poly.entity_id   1
_entity_poly.type   'polypeptide(L)'
_entity_poly.pdbx_seq_one_letter_code
;MGSSHHHHHHSSGLVPRGSHMEPRGTKRKAEKTEVEKPLNKLPRAVPSLRTQPSLYSGPFPFYRRPSELGCFSLDAQRQY
HGDARALRYYSPPPINGPGPDFDLRDGYPDRYQPRDEEVQERLDHLLRWVLEHRNQLEGGPGWLAGATVTWRGHLTKLLT
TPYERQEGWQLAASRFQGTLYLSEVETPAARAQRLARPPLLRELMYMGYKFSQYMCADKPGGSPDPSGEVNTNVAYCSVL
RSRLGNHPLLFSGQVDCLNPQAPCTQPPSCYVQLKTSKEMHSPGQWRSFYRHKLLKWWAQSFLPGVPHVVAGFRNPEGFV
CSLKTFPTMEMFENVRNDREGWNPSVCMNFCAAFLSFAQSTVVQDDPRLVHLFSWEPGGPVTVSVHRDAPYAFLPSWYVE
TMTQDLPPLSKTPSPKD
;
_entity_poly.pdbx_strand_id   A
#
# COMPACT_ATOMS: atom_id res chain seq x y z
N PRO A 47 -8.34 -4.05 -27.60
CA PRO A 47 -8.78 -4.53 -26.29
C PRO A 47 -8.33 -3.60 -25.16
N SER A 48 -9.30 -2.99 -24.48
CA SER A 48 -9.00 -2.00 -23.47
C SER A 48 -10.13 -2.02 -22.43
N LEU A 49 -9.90 -1.31 -21.32
CA LEU A 49 -10.82 -1.32 -20.19
C LEU A 49 -11.11 0.12 -19.77
N ARG A 50 -12.38 0.51 -19.82
CA ARG A 50 -12.76 1.86 -19.43
C ARG A 50 -12.75 2.00 -17.91
N THR A 51 -12.64 3.25 -17.44
CA THR A 51 -12.43 3.51 -16.03
C THR A 51 -13.42 4.50 -15.42
N GLN A 52 -14.41 4.98 -16.17
CA GLN A 52 -15.29 6.01 -15.63
C GLN A 52 -16.12 5.48 -14.47
N PRO A 53 -16.29 6.26 -13.40
CA PRO A 53 -17.06 5.78 -12.24
C PRO A 53 -18.45 5.26 -12.56
N SER A 54 -19.15 5.89 -13.51
CA SER A 54 -20.53 5.51 -13.78
C SER A 54 -20.66 4.04 -14.18
N LEU A 55 -19.60 3.46 -14.76
CA LEU A 55 -19.63 2.06 -15.17
C LEU A 55 -19.53 1.09 -14.00
N TYR A 56 -19.24 1.58 -12.80
CA TYR A 56 -18.83 0.73 -11.70
C TYR A 56 -19.61 1.03 -10.42
N SER A 57 -20.73 1.74 -10.52
CA SER A 57 -21.48 2.22 -9.36
C SER A 57 -22.60 1.27 -8.91
N GLY A 58 -22.51 -0.02 -9.26
CA GLY A 58 -23.43 -1.00 -8.72
C GLY A 58 -23.11 -1.41 -7.29
N PRO A 59 -23.76 -2.47 -6.81
CA PRO A 59 -23.58 -2.88 -5.41
C PRO A 59 -22.13 -3.22 -5.08
N PHE A 60 -21.78 -3.01 -3.81
CA PHE A 60 -20.43 -3.34 -3.34
C PHE A 60 -20.17 -4.81 -3.57
N PRO A 61 -19.02 -5.19 -4.15
CA PRO A 61 -18.77 -6.58 -4.51
C PRO A 61 -18.25 -7.37 -3.30
N PHE A 62 -18.09 -8.68 -3.52
CA PHE A 62 -17.54 -9.53 -2.49
C PHE A 62 -16.07 -9.17 -2.26
N TYR A 63 -15.72 -8.94 -1.00
CA TYR A 63 -14.31 -8.79 -0.62
C TYR A 63 -14.08 -9.55 0.67
N ARG A 64 -13.25 -10.58 0.59
CA ARG A 64 -13.02 -11.45 1.73
C ARG A 64 -12.30 -10.73 2.87
N ARG A 65 -12.82 -10.90 4.09
CA ARG A 65 -12.13 -10.46 5.29
C ARG A 65 -10.66 -10.90 5.25
N PRO A 66 -9.70 -9.96 5.22
CA PRO A 66 -8.30 -10.37 5.05
C PRO A 66 -7.78 -11.18 6.24
N SER A 67 -6.96 -12.18 5.93
CA SER A 67 -6.24 -12.96 6.94
C SER A 67 -4.76 -12.77 6.74
N GLU A 68 -4.04 -12.52 7.83
CA GLU A 68 -2.58 -12.45 7.79
C GLU A 68 -2.01 -13.86 7.71
N LEU A 69 -1.27 -14.12 6.63
CA LEU A 69 -0.57 -15.38 6.47
C LEU A 69 0.80 -15.38 7.10
N GLY A 70 1.37 -14.20 7.29
CA GLY A 70 2.71 -14.09 7.81
C GLY A 70 3.21 -12.67 7.65
N CYS A 71 4.52 -12.51 7.75
CA CYS A 71 5.11 -11.18 7.70
C CYS A 71 6.57 -11.31 7.31
N PHE A 72 7.17 -10.17 7.05
CA PHE A 72 8.62 -10.09 6.93
C PHE A 72 9.09 -8.68 7.22
N SER A 73 10.38 -8.57 7.49
CA SER A 73 11.01 -7.33 7.88
C SER A 73 12.21 -7.07 6.96
N LEU A 74 12.48 -5.80 6.71
CA LEU A 74 13.72 -5.37 6.08
C LEU A 74 14.49 -4.54 7.10
N ASP A 75 15.80 -4.82 7.25
CA ASP A 75 16.59 -4.16 8.28
C ASP A 75 17.24 -2.90 7.71
N ALA A 76 18.11 -2.26 8.50
CA ALA A 76 18.73 -1.00 8.10
C ALA A 76 19.64 -1.14 6.88
N GLN A 77 20.11 -2.35 6.59
CA GLN A 77 20.88 -2.63 5.38
C GLN A 77 20.01 -3.20 4.26
N ARG A 78 18.69 -3.12 4.41
CA ARG A 78 17.74 -3.62 3.41
C ARG A 78 17.87 -5.14 3.22
N GLN A 79 18.25 -5.85 4.27
CA GLN A 79 18.27 -7.30 4.24
C GLN A 79 16.94 -7.85 4.75
N TYR A 80 16.47 -8.91 4.09
CA TYR A 80 15.21 -9.57 4.42
C TYR A 80 15.34 -10.47 5.64
N HIS A 81 14.30 -10.48 6.48
CA HIS A 81 14.18 -11.40 7.59
C HIS A 81 12.73 -11.82 7.67
N GLY A 82 12.48 -13.13 7.67
CA GLY A 82 11.13 -13.64 7.71
C GLY A 82 10.55 -13.62 9.10
N ASP A 83 10.57 -12.46 9.75
CA ASP A 83 9.98 -12.33 11.07
C ASP A 83 9.54 -10.88 11.26
N ALA A 84 9.06 -10.55 12.47
CA ALA A 84 8.48 -9.24 12.74
C ALA A 84 9.45 -8.30 13.47
N ARG A 85 10.76 -8.47 13.29
CA ARG A 85 11.70 -7.66 14.05
C ARG A 85 11.53 -6.16 13.80
N ALA A 86 10.98 -5.76 12.66
CA ALA A 86 10.82 -4.35 12.33
C ALA A 86 9.51 -3.76 12.84
N LEU A 87 8.59 -4.59 13.32
CA LEU A 87 7.32 -4.10 13.84
C LEU A 87 7.55 -3.24 15.09
N ARG A 88 6.92 -2.07 15.12
CA ARG A 88 6.95 -1.21 16.30
C ARG A 88 5.55 -1.10 16.89
N TYR A 89 5.44 -0.37 17.99
CA TYR A 89 4.25 -0.42 18.83
C TYR A 89 3.71 0.98 19.08
N TYR A 90 2.42 1.14 18.75
CA TYR A 90 1.72 2.41 18.97
C TYR A 90 1.90 2.90 20.39
N SER A 91 2.35 4.15 20.52
CA SER A 91 2.69 4.75 21.80
C SER A 91 2.42 6.24 21.74
N PRO A 92 1.16 6.65 21.79
CA PRO A 92 0.81 8.04 21.56
C PRO A 92 1.08 8.88 22.79
N PRO A 93 0.98 10.20 22.68
CA PRO A 93 1.21 11.08 23.83
C PRO A 93 0.33 10.68 25.01
N PRO A 94 0.89 10.64 26.22
CA PRO A 94 0.09 10.27 27.40
C PRO A 94 -1.15 11.15 27.55
N ILE A 95 -2.23 10.51 28.02
CA ILE A 95 -3.56 11.11 28.01
C ILE A 95 -3.64 12.32 28.95
N ASN A 96 -2.84 12.34 30.01
CA ASN A 96 -2.86 13.45 30.97
C ASN A 96 -1.86 14.55 30.65
N GLY A 97 -0.81 14.24 29.90
CA GLY A 97 0.23 15.21 29.62
C GLY A 97 -0.18 16.22 28.57
N PRO A 98 0.80 16.97 28.05
CA PRO A 98 0.50 18.00 27.07
C PRO A 98 0.09 17.40 25.73
N GLY A 99 -0.56 18.24 24.92
CA GLY A 99 -0.89 17.88 23.56
C GLY A 99 0.38 17.72 22.75
N PRO A 100 0.29 17.06 21.60
CA PRO A 100 1.51 16.81 20.81
C PRO A 100 2.08 18.11 20.29
N ASP A 101 3.39 18.11 20.10
CA ASP A 101 4.09 19.25 19.51
C ASP A 101 5.35 18.69 18.86
N PHE A 102 5.13 17.74 17.93
CA PHE A 102 6.20 16.97 17.30
C PHE A 102 6.89 17.77 16.23
N ASP A 103 8.21 17.94 16.35
CA ASP A 103 8.97 18.66 15.33
C ASP A 103 9.35 17.65 14.24
N LEU A 104 8.61 17.67 13.13
CA LEU A 104 8.79 16.65 12.10
C LEU A 104 10.01 16.91 11.23
N ARG A 105 10.58 18.11 11.34
CA ARG A 105 11.82 18.45 10.63
C ARG A 105 13.06 18.08 11.42
N ASP A 106 12.91 17.71 12.69
CA ASP A 106 14.08 17.42 13.51
C ASP A 106 14.84 16.23 12.93
N GLY A 107 16.13 16.42 12.69
CA GLY A 107 16.97 15.39 12.11
C GLY A 107 17.17 15.52 10.62
N TYR A 108 16.36 16.31 9.93
CA TYR A 108 16.51 16.44 8.49
C TYR A 108 17.60 17.46 8.17
N PRO A 109 18.64 17.10 7.41
CA PRO A 109 18.88 15.79 6.78
C PRO A 109 19.99 14.97 7.44
N ASP A 110 20.63 15.51 8.48
CA ASP A 110 21.83 14.86 8.99
C ASP A 110 21.51 13.51 9.64
N ARG A 111 20.30 13.30 10.13
CA ARG A 111 19.91 12.00 10.67
C ARG A 111 18.90 11.29 9.77
N TYR A 112 19.11 11.41 8.47
CA TYR A 112 18.26 10.83 7.43
C TYR A 112 19.13 9.91 6.58
N GLN A 113 18.79 8.63 6.54
CA GLN A 113 19.45 7.66 5.68
C GLN A 113 18.40 7.11 4.72
N PRO A 114 18.16 7.81 3.61
CA PRO A 114 17.13 7.37 2.68
C PRO A 114 17.61 6.18 1.86
N ARG A 115 16.71 5.23 1.66
CA ARG A 115 17.09 4.11 0.81
C ARG A 115 17.24 4.58 -0.64
N ASP A 116 18.05 3.83 -1.40
CA ASP A 116 18.40 4.19 -2.76
C ASP A 116 17.22 3.89 -3.68
N GLU A 117 16.55 4.93 -4.16
CA GLU A 117 15.35 4.70 -4.96
C GLU A 117 15.67 4.16 -6.35
N GLU A 118 16.93 4.17 -6.76
CA GLU A 118 17.31 3.61 -8.05
C GLU A 118 17.56 2.11 -7.97
N VAL A 119 17.53 1.51 -6.78
CA VAL A 119 17.64 0.06 -6.69
C VAL A 119 16.26 -0.54 -6.92
N GLN A 120 16.15 -1.37 -7.95
CA GLN A 120 14.89 -1.92 -8.40
C GLN A 120 14.58 -3.20 -7.63
N GLU A 121 13.49 -3.22 -6.88
CA GLU A 121 13.12 -4.39 -6.11
C GLU A 121 11.89 -5.11 -6.64
N ARG A 122 10.95 -4.38 -7.25
CA ARG A 122 9.71 -4.95 -7.74
C ARG A 122 9.09 -5.91 -6.71
N LEU A 123 8.81 -7.17 -7.08
CA LEU A 123 8.15 -8.08 -6.15
C LEU A 123 9.12 -8.90 -5.32
N ASP A 124 10.44 -8.67 -5.45
CA ASP A 124 11.41 -9.66 -4.97
C ASP A 124 11.23 -10.06 -3.50
N HIS A 125 10.96 -9.10 -2.60
CA HIS A 125 10.85 -9.45 -1.19
C HIS A 125 9.61 -10.31 -0.94
N LEU A 126 8.48 -9.97 -1.60
CA LEU A 126 7.29 -10.79 -1.48
C LEU A 126 7.52 -12.18 -2.07
N LEU A 127 8.19 -12.27 -3.21
CA LEU A 127 8.46 -13.57 -3.80
C LEU A 127 9.31 -14.44 -2.86
N ARG A 128 10.26 -13.83 -2.17
CA ARG A 128 11.03 -14.60 -1.19
C ARG A 128 10.14 -15.18 -0.11
N TRP A 129 9.20 -14.38 0.40
CA TRP A 129 8.25 -14.91 1.38
C TRP A 129 7.43 -16.05 0.79
N VAL A 130 6.88 -15.86 -0.42
CA VAL A 130 6.09 -16.92 -1.03
C VAL A 130 6.93 -18.17 -1.20
N LEU A 131 8.13 -18.02 -1.74
CA LEU A 131 9.00 -19.18 -1.96
C LEU A 131 9.24 -19.93 -0.67
N GLU A 132 9.44 -19.21 0.44
CA GLU A 132 9.75 -19.83 1.72
C GLU A 132 8.52 -20.34 2.47
N HIS A 133 7.31 -20.07 1.97
CA HIS A 133 6.08 -20.57 2.57
C HIS A 133 5.21 -21.35 1.59
N ARG A 134 5.72 -21.70 0.41
CA ARG A 134 4.85 -22.18 -0.66
C ARG A 134 4.19 -23.51 -0.30
N ASN A 135 4.87 -24.36 0.47
CA ASN A 135 4.29 -25.63 0.88
C ASN A 135 3.58 -25.55 2.23
N GLN A 136 3.51 -24.37 2.83
CA GLN A 136 2.81 -24.15 4.08
C GLN A 136 1.60 -23.24 3.91
N LEU A 137 1.19 -22.94 2.68
CA LEU A 137 0.12 -22.00 2.45
C LEU A 137 -1.24 -22.63 2.74
N GLU A 138 -2.13 -21.84 3.34
CA GLU A 138 -3.49 -22.31 3.56
C GLU A 138 -4.27 -22.24 2.25
N GLY A 139 -5.54 -22.65 2.31
CA GLY A 139 -6.42 -22.55 1.16
C GLY A 139 -6.56 -23.82 0.34
N GLY A 140 -5.76 -24.85 0.64
CA GLY A 140 -5.91 -26.13 0.01
C GLY A 140 -5.07 -26.28 -1.24
N PRO A 141 -5.06 -27.48 -1.81
CA PRO A 141 -4.26 -27.72 -3.02
C PRO A 141 -4.68 -26.78 -4.15
N GLY A 142 -3.66 -26.22 -4.82
CA GLY A 142 -3.93 -25.37 -5.97
C GLY A 142 -4.35 -23.96 -5.64
N TRP A 143 -4.33 -23.56 -4.37
CA TRP A 143 -4.79 -22.21 -4.05
C TRP A 143 -3.91 -21.15 -4.72
N LEU A 144 -2.58 -21.28 -4.58
CA LEU A 144 -1.71 -20.26 -5.17
C LEU A 144 -1.90 -20.19 -6.68
N ALA A 145 -2.12 -21.34 -7.32
CA ALA A 145 -2.22 -21.39 -8.78
C ALA A 145 -3.37 -20.53 -9.31
N GLY A 146 -4.42 -20.34 -8.51
CA GLY A 146 -5.52 -19.50 -8.92
C GLY A 146 -5.48 -18.09 -8.38
N ALA A 147 -4.43 -17.72 -7.64
CA ALA A 147 -4.35 -16.42 -7.00
C ALA A 147 -3.71 -15.36 -7.90
N THR A 148 -3.84 -14.11 -7.47
CA THR A 148 -3.10 -12.98 -8.01
C THR A 148 -2.20 -12.45 -6.90
N VAL A 149 -0.91 -12.27 -7.20
CA VAL A 149 0.12 -11.92 -6.23
C VAL A 149 0.63 -10.52 -6.58
N THR A 150 0.64 -9.61 -5.61
CA THR A 150 1.06 -8.24 -5.87
C THR A 150 1.30 -7.52 -4.54
N TRP A 151 1.73 -6.25 -4.63
CA TRP A 151 1.88 -5.36 -3.49
C TRP A 151 0.55 -4.69 -3.23
N ARG A 152 0.25 -4.48 -1.95
CA ARG A 152 -0.97 -3.77 -1.58
C ARG A 152 -1.06 -2.42 -2.29
N GLY A 153 0.05 -1.70 -2.34
CA GLY A 153 0.04 -0.39 -2.98
C GLY A 153 -0.35 -0.43 -4.46
N HIS A 154 -0.05 -1.53 -5.16
CA HIS A 154 -0.48 -1.67 -6.54
C HIS A 154 -2.00 -1.77 -6.61
N LEU A 155 -2.59 -2.53 -5.70
CA LEU A 155 -4.04 -2.65 -5.61
C LEU A 155 -4.68 -1.31 -5.26
N THR A 156 -4.04 -0.52 -4.39
CA THR A 156 -4.55 0.81 -4.07
C THR A 156 -4.68 1.67 -5.31
N LYS A 157 -3.67 1.66 -6.18
CA LYS A 157 -3.73 2.49 -7.38
C LYS A 157 -4.85 2.06 -8.30
N LEU A 158 -5.13 0.76 -8.36
CA LEU A 158 -6.32 0.28 -9.09
C LEU A 158 -7.58 0.88 -8.48
N LEU A 159 -7.71 0.80 -7.15
CA LEU A 159 -8.93 1.25 -6.47
C LEU A 159 -9.20 2.71 -6.75
N THR A 160 -8.17 3.53 -6.78
CA THR A 160 -8.39 4.97 -6.92
C THR A 160 -8.44 5.41 -8.38
N THR A 161 -8.23 4.49 -9.33
CA THR A 161 -8.18 4.87 -10.74
C THR A 161 -9.42 5.60 -11.24
N PRO A 162 -10.64 5.19 -10.91
CA PRO A 162 -11.80 5.89 -11.47
C PRO A 162 -11.88 7.35 -11.05
N TYR A 163 -11.13 7.77 -10.04
CA TYR A 163 -11.18 9.14 -9.55
C TYR A 163 -9.89 9.91 -9.78
N GLU A 164 -8.88 9.26 -10.34
CA GLU A 164 -7.55 9.83 -10.42
C GLU A 164 -7.47 10.77 -11.61
N ARG A 165 -7.06 12.01 -11.36
CA ARG A 165 -7.00 13.00 -12.42
C ARG A 165 -5.58 13.39 -12.82
N GLN A 166 -4.57 13.00 -12.06
CA GLN A 166 -3.24 13.55 -12.24
C GLN A 166 -2.20 12.52 -12.66
N GLU A 167 -2.16 11.36 -12.02
CA GLU A 167 -1.04 10.44 -12.18
C GLU A 167 -1.50 9.11 -12.76
N GLY A 168 -0.93 8.75 -13.91
CA GLY A 168 -1.18 7.45 -14.51
C GLY A 168 -0.33 6.37 -13.90
N TRP A 169 -0.46 5.16 -14.44
CA TRP A 169 0.34 4.06 -13.93
C TRP A 169 0.58 3.05 -15.04
N GLN A 170 1.50 2.12 -14.76
CA GLN A 170 1.74 0.95 -15.58
C GLN A 170 1.94 -0.25 -14.66
N LEU A 171 1.30 -1.37 -15.00
CA LEU A 171 1.43 -2.61 -14.25
C LEU A 171 1.88 -3.70 -15.22
N ALA A 172 2.99 -4.35 -14.91
CA ALA A 172 3.44 -5.51 -15.67
C ALA A 172 2.79 -6.77 -15.09
N ALA A 173 2.32 -7.64 -15.97
CA ALA A 173 1.65 -8.87 -15.56
C ALA A 173 2.32 -10.07 -16.21
N SER A 174 2.58 -11.09 -15.41
CA SER A 174 3.13 -12.36 -15.89
C SER A 174 2.39 -13.48 -15.20
N ARG A 175 1.98 -14.49 -15.96
CA ARG A 175 1.41 -15.70 -15.39
C ARG A 175 2.51 -16.75 -15.30
N PHE A 176 2.56 -17.44 -14.17
CA PHE A 176 3.59 -18.45 -13.95
C PHE A 176 3.03 -19.52 -13.03
N GLN A 177 2.92 -20.75 -13.54
CA GLN A 177 2.28 -21.85 -12.83
C GLN A 177 0.87 -21.45 -12.38
N GLY A 178 0.14 -20.83 -13.30
CA GLY A 178 -1.23 -20.44 -13.07
C GLY A 178 -1.38 -19.11 -12.35
N THR A 179 -0.50 -18.87 -11.38
CA THR A 179 -0.57 -17.63 -10.59
C THR A 179 -0.33 -16.41 -11.48
N LEU A 180 -1.11 -15.34 -11.25
CA LEU A 180 -0.92 -14.07 -11.95
C LEU A 180 -0.15 -13.11 -11.05
N TYR A 181 0.99 -12.64 -11.55
CA TYR A 181 1.81 -11.68 -10.82
C TYR A 181 1.67 -10.29 -11.43
N LEU A 182 1.45 -9.28 -10.58
CA LEU A 182 1.32 -7.88 -10.99
C LEU A 182 2.42 -7.06 -10.32
N SER A 183 3.22 -6.36 -11.12
CA SER A 183 4.33 -5.59 -10.60
C SER A 183 4.36 -4.22 -11.27
N GLU A 184 4.35 -3.16 -10.47
CA GLU A 184 4.29 -1.83 -11.03
C GLU A 184 5.56 -1.46 -11.79
N VAL A 185 5.40 -0.71 -12.86
CA VAL A 185 6.49 -0.18 -13.68
C VAL A 185 6.44 1.33 -13.55
N GLU A 186 7.58 1.95 -13.22
CA GLU A 186 7.63 3.40 -13.16
C GLU A 186 7.50 3.99 -14.56
N THR A 187 6.52 4.86 -14.75
CA THR A 187 6.32 5.48 -16.04
C THR A 187 7.46 6.45 -16.35
N PRO A 188 7.70 6.74 -17.63
CA PRO A 188 8.70 7.77 -17.98
C PRO A 188 8.42 9.09 -17.29
N ALA A 189 7.16 9.54 -17.29
CA ALA A 189 6.83 10.80 -16.64
C ALA A 189 7.04 10.71 -15.13
N ALA A 190 6.71 9.56 -14.52
CA ALA A 190 6.92 9.43 -13.08
C ALA A 190 8.40 9.46 -12.74
N ARG A 191 9.24 8.85 -13.59
CA ARG A 191 10.68 8.90 -13.34
C ARG A 191 11.20 10.33 -13.40
N ALA A 192 10.77 11.10 -14.40
CA ALA A 192 11.19 12.49 -14.49
C ALA A 192 10.78 13.27 -13.25
N GLN A 193 9.54 13.08 -12.78
CA GLN A 193 9.10 13.81 -11.60
C GLN A 193 9.91 13.42 -10.38
N ARG A 194 10.23 12.14 -10.25
CA ARG A 194 11.05 11.67 -9.14
C ARG A 194 12.41 12.34 -9.15
N LEU A 195 13.10 12.27 -10.28
CA LEU A 195 14.43 12.86 -10.36
C LEU A 195 14.40 14.36 -10.09
N ALA A 196 13.28 15.02 -10.42
CA ALA A 196 13.15 16.47 -10.23
C ALA A 196 12.39 16.82 -8.95
N ARG A 197 12.31 15.89 -8.02
CA ARG A 197 11.58 16.11 -6.77
C ARG A 197 12.07 17.37 -6.08
N PRO A 198 11.18 18.34 -5.78
CA PRO A 198 11.64 19.57 -5.14
C PRO A 198 12.10 19.33 -3.72
N PRO A 199 13.05 20.13 -3.22
CA PRO A 199 13.47 19.97 -1.81
C PRO A 199 12.32 19.90 -0.83
N LEU A 200 11.27 20.69 -1.04
CA LEU A 200 10.12 20.69 -0.15
C LEU A 200 9.51 19.30 -0.02
N LEU A 201 9.36 18.60 -1.15
CA LEU A 201 8.72 17.28 -1.13
C LEU A 201 9.67 16.22 -0.58
N ARG A 202 10.97 16.37 -0.82
CA ARG A 202 11.93 15.51 -0.16
C ARG A 202 11.80 15.61 1.36
N GLU A 203 11.66 16.84 1.87
CA GLU A 203 11.54 17.04 3.31
C GLU A 203 10.19 16.56 3.81
N LEU A 204 9.13 16.77 3.02
CA LEU A 204 7.80 16.28 3.39
C LEU A 204 7.80 14.77 3.55
N MET A 205 8.47 14.06 2.64
CA MET A 205 8.57 12.61 2.77
C MET A 205 9.29 12.23 4.07
N TYR A 206 10.38 12.94 4.38
CA TYR A 206 11.05 12.74 5.66
C TYR A 206 10.07 12.94 6.83
N MET A 207 9.30 14.02 6.78
CA MET A 207 8.41 14.31 7.90
C MET A 207 7.40 13.19 8.12
N GLY A 208 6.94 12.55 7.05
CA GLY A 208 6.05 11.41 7.21
C GLY A 208 6.70 10.27 7.99
N TYR A 209 7.94 9.93 7.61
CA TYR A 209 8.65 8.90 8.35
C TYR A 209 8.93 9.34 9.78
N LYS A 210 9.27 10.62 9.97
CA LYS A 210 9.63 11.11 11.29
C LYS A 210 8.45 11.05 12.24
N PHE A 211 7.23 11.32 11.74
CA PHE A 211 6.03 11.22 12.57
C PHE A 211 5.92 9.85 13.25
N SER A 212 6.22 8.78 12.52
CA SER A 212 6.16 7.44 13.12
C SER A 212 7.12 7.34 14.31
N GLN A 213 8.31 7.97 14.22
CA GLN A 213 9.26 7.89 15.33
C GLN A 213 8.75 8.57 16.59
N TYR A 214 7.90 9.59 16.47
CA TYR A 214 7.28 10.23 17.62
C TYR A 214 6.10 9.44 18.17
N MET A 215 5.53 8.51 17.39
CA MET A 215 4.28 7.87 17.74
C MET A 215 4.44 6.41 18.13
N CYS A 216 5.65 5.85 18.02
CA CYS A 216 5.83 4.40 18.07
C CYS A 216 7.02 4.10 18.96
N ALA A 217 7.02 2.92 19.57
CA ALA A 217 8.11 2.49 20.44
C ALA A 217 8.59 1.13 19.98
N ASP A 218 9.84 0.80 20.34
CA ASP A 218 10.41 -0.47 19.90
C ASP A 218 9.80 -1.66 20.63
N LYS A 219 9.14 -1.45 21.75
CA LYS A 219 8.60 -2.53 22.58
C LYS A 219 7.22 -2.13 23.07
N PRO A 220 6.33 -3.10 23.24
CA PRO A 220 5.00 -2.80 23.79
C PRO A 220 5.11 -2.06 25.11
N GLY A 221 4.35 -0.97 25.23
CA GLY A 221 4.43 -0.14 26.41
C GLY A 221 5.69 0.68 26.55
N GLY A 222 6.61 0.62 25.58
CA GLY A 222 7.80 1.45 25.60
C GLY A 222 7.51 2.89 25.24
N SER A 223 8.57 3.70 25.23
CA SER A 223 8.42 5.11 24.91
C SER A 223 9.09 5.44 23.58
N PRO A 224 8.50 6.30 22.76
CA PRO A 224 9.15 6.69 21.51
C PRO A 224 10.49 7.36 21.79
N ASP A 225 11.45 7.13 20.89
CA ASP A 225 12.78 7.72 20.98
C ASP A 225 13.10 8.38 19.65
N PRO A 226 12.78 9.66 19.49
CA PRO A 226 13.03 10.35 18.23
C PRO A 226 14.47 10.79 18.01
N SER A 227 15.38 10.43 18.92
CA SER A 227 16.75 10.92 18.88
C SER A 227 17.62 10.18 17.87
N GLY A 228 17.12 9.13 17.25
CA GLY A 228 17.88 8.33 16.31
C GLY A 228 17.75 8.79 14.87
N GLU A 229 18.12 7.89 13.97
CA GLU A 229 18.09 8.12 12.54
C GLU A 229 16.75 7.70 11.96
N VAL A 230 16.36 8.37 10.89
CA VAL A 230 15.27 7.90 10.03
C VAL A 230 15.92 7.14 8.88
N ASN A 231 15.80 5.81 8.89
CA ASN A 231 16.43 4.96 7.88
C ASN A 231 15.32 4.23 7.14
N THR A 232 15.08 4.62 5.88
CA THR A 232 13.94 4.13 5.14
C THR A 232 14.21 2.80 4.45
N ASN A 233 15.38 2.21 4.70
CA ASN A 233 15.56 0.80 4.40
C ASN A 233 14.70 -0.08 5.30
N VAL A 234 14.40 0.39 6.50
CA VAL A 234 13.69 -0.42 7.50
C VAL A 234 12.22 -0.47 7.15
N ALA A 235 11.65 -1.67 7.15
CA ALA A 235 10.23 -1.82 6.85
C ALA A 235 9.68 -3.10 7.47
N TYR A 236 8.42 -3.04 7.88
CA TYR A 236 7.70 -4.22 8.35
C TYR A 236 6.51 -4.44 7.44
N CYS A 237 6.35 -5.68 6.96
CA CYS A 237 5.35 -6.00 5.94
C CYS A 237 4.45 -7.12 6.43
N SER A 238 3.14 -6.92 6.31
CA SER A 238 2.22 -8.00 6.60
C SER A 238 1.88 -8.68 5.27
N VAL A 239 1.75 -10.01 5.30
CA VAL A 239 1.37 -10.79 4.13
C VAL A 239 -0.06 -11.26 4.32
N LEU A 240 -0.94 -10.92 3.38
CA LEU A 240 -2.38 -11.12 3.54
C LEU A 240 -2.97 -11.97 2.44
N ARG A 241 -4.02 -12.70 2.80
CA ARG A 241 -4.89 -13.41 1.90
C ARG A 241 -6.24 -12.71 1.88
N SER A 242 -6.73 -12.38 0.68
CA SER A 242 -8.14 -12.00 0.54
C SER A 242 -8.70 -12.60 -0.75
N ARG A 243 -9.80 -12.02 -1.21
CA ARG A 243 -10.39 -12.37 -2.49
C ARG A 243 -11.35 -11.27 -2.86
N LEU A 244 -11.29 -10.81 -4.11
CA LEU A 244 -12.21 -9.80 -4.62
C LEU A 244 -13.03 -10.45 -5.74
N GLY A 245 -14.34 -10.47 -5.56
CA GLY A 245 -15.16 -11.21 -6.50
C GLY A 245 -14.69 -12.65 -6.56
N ASN A 246 -14.44 -13.15 -7.77
CA ASN A 246 -13.92 -14.49 -7.95
C ASN A 246 -12.40 -14.53 -8.08
N HIS A 247 -11.70 -13.52 -7.55
CA HIS A 247 -10.24 -13.40 -7.70
C HIS A 247 -9.52 -13.52 -6.36
N PRO A 248 -9.02 -14.71 -6.00
CA PRO A 248 -8.21 -14.83 -4.78
C PRO A 248 -6.97 -13.95 -4.84
N LEU A 249 -6.59 -13.39 -3.69
CA LEU A 249 -5.48 -12.45 -3.63
C LEU A 249 -4.47 -12.84 -2.56
N LEU A 250 -3.18 -12.76 -2.93
CA LEU A 250 -2.08 -12.80 -1.97
C LEU A 250 -1.28 -11.53 -2.18
N PHE A 251 -1.21 -10.69 -1.13
CA PHE A 251 -0.49 -9.43 -1.27
C PHE A 251 0.16 -9.06 0.06
N SER A 252 1.23 -8.30 -0.03
N SER A 252 1.24 -8.30 -0.03
CA SER A 252 1.90 -7.78 1.15
CA SER A 252 1.92 -7.78 1.15
C SER A 252 1.72 -6.26 1.22
C SER A 252 1.75 -6.27 1.22
N GLY A 253 1.77 -5.75 2.44
CA GLY A 253 1.66 -4.32 2.65
C GLY A 253 2.44 -3.90 3.87
N GLN A 254 3.07 -2.74 3.77
CA GLN A 254 3.79 -2.20 4.91
C GLN A 254 2.80 -1.73 5.96
N VAL A 255 3.11 -2.07 7.19
CA VAL A 255 2.27 -1.78 8.35
C VAL A 255 3.09 -0.93 9.31
N ASP A 256 2.50 0.18 9.80
CA ASP A 256 3.32 1.08 10.60
C ASP A 256 3.53 0.59 12.03
N CYS A 257 2.50 0.01 12.67
CA CYS A 257 2.66 -0.40 14.05
C CYS A 257 1.48 -1.26 14.48
N LEU A 258 1.70 -1.95 15.60
CA LEU A 258 0.69 -2.70 16.32
C LEU A 258 0.32 -1.93 17.57
N ASN A 259 -0.98 -1.90 17.88
CA ASN A 259 -1.45 -1.17 19.05
C ASN A 259 -1.71 -2.15 20.20
N PRO A 260 -0.82 -2.21 21.20
CA PRO A 260 -1.05 -3.13 22.33
C PRO A 260 -2.26 -2.76 23.17
N GLN A 261 -2.79 -1.54 23.06
CA GLN A 261 -4.00 -1.18 23.77
C GLN A 261 -5.27 -1.56 23.02
N ALA A 262 -5.16 -2.05 21.80
CA ALA A 262 -6.36 -2.40 21.03
C ALA A 262 -7.04 -3.61 21.65
N PRO A 263 -8.35 -3.57 21.85
CA PRO A 263 -9.03 -4.77 22.36
C PRO A 263 -8.79 -6.03 21.54
N CYS A 264 -8.72 -5.92 20.22
N CYS A 264 -8.76 -5.95 20.22
CA CYS A 264 -8.46 -7.05 19.35
CA CYS A 264 -8.48 -7.12 19.41
C CYS A 264 -6.95 -7.15 19.10
C CYS A 264 -6.99 -7.19 19.10
N THR A 265 -6.36 -8.28 19.51
CA THR A 265 -4.93 -8.48 19.35
C THR A 265 -4.57 -9.26 18.08
N GLN A 266 -5.56 -9.82 17.38
CA GLN A 266 -5.31 -10.63 16.18
C GLN A 266 -5.00 -9.74 14.98
N PRO A 267 -3.85 -9.88 14.34
CA PRO A 267 -3.59 -9.12 13.12
C PRO A 267 -4.55 -9.54 12.01
N PRO A 268 -4.95 -8.61 11.13
CA PRO A 268 -4.50 -7.21 11.09
C PRO A 268 -5.32 -6.27 11.97
N SER A 269 -6.26 -6.80 12.76
CA SER A 269 -7.13 -5.96 13.56
C SER A 269 -6.39 -5.08 14.56
N CYS A 270 -5.18 -5.46 14.96
CA CYS A 270 -4.43 -4.69 15.93
C CYS A 270 -3.49 -3.66 15.29
N TYR A 271 -3.48 -3.56 13.96
CA TYR A 271 -2.55 -2.65 13.30
C TYR A 271 -3.13 -1.24 13.22
N VAL A 272 -2.24 -0.25 13.22
CA VAL A 272 -2.59 1.16 13.04
C VAL A 272 -1.70 1.75 11.95
N GLN A 273 -2.32 2.50 11.03
CA GLN A 273 -1.59 3.21 10.00
C GLN A 273 -1.42 4.66 10.43
N LEU A 274 -0.23 5.21 10.21
CA LEU A 274 0.06 6.59 10.61
C LEU A 274 0.15 7.47 9.38
N LYS A 275 -0.37 8.69 9.49
CA LYS A 275 -0.38 9.64 8.39
C LYS A 275 -0.11 11.02 8.95
N THR A 276 0.38 11.92 8.10
CA THR A 276 0.31 13.34 8.38
C THR A 276 -0.40 14.06 7.25
N SER A 277 -0.89 15.25 7.58
CA SER A 277 -1.58 16.10 6.62
C SER A 277 -1.57 17.52 7.17
N LYS A 278 -1.72 18.49 6.27
CA LYS A 278 -1.77 19.89 6.67
C LYS A 278 -2.90 20.12 7.67
N GLU A 279 -2.67 21.00 8.64
CA GLU A 279 -3.77 21.43 9.49
C GLU A 279 -4.83 22.12 8.62
N MET A 280 -6.10 21.94 8.98
CA MET A 280 -7.20 22.55 8.26
C MET A 280 -8.01 23.44 9.19
N HIS A 281 -8.57 24.50 8.63
CA HIS A 281 -9.22 25.51 9.45
C HIS A 281 -10.65 25.79 9.00
N SER A 282 -10.92 25.65 7.71
CA SER A 282 -12.22 25.97 7.17
C SER A 282 -12.97 24.70 6.77
N PRO A 283 -14.30 24.75 6.74
CA PRO A 283 -15.06 23.60 6.24
C PRO A 283 -14.69 23.22 4.83
N GLY A 284 -14.38 24.19 3.97
CA GLY A 284 -13.98 23.87 2.61
C GLY A 284 -12.71 23.05 2.56
N GLN A 285 -11.75 23.37 3.44
CA GLN A 285 -10.51 22.59 3.49
C GLN A 285 -10.78 21.18 3.97
N TRP A 286 -11.64 21.00 4.97
CA TRP A 286 -12.01 19.66 5.40
C TRP A 286 -12.69 18.90 4.28
N ARG A 287 -13.57 19.57 3.55
CA ARG A 287 -14.29 18.91 2.46
C ARG A 287 -13.33 18.41 1.39
N SER A 288 -12.37 19.24 0.98
CA SER A 288 -11.39 18.83 0.00
C SER A 288 -10.57 17.65 0.51
N PHE A 289 -10.29 17.64 1.82
CA PHE A 289 -9.55 16.54 2.44
C PHE A 289 -10.36 15.25 2.41
N TYR A 290 -11.64 15.32 2.79
CA TYR A 290 -12.50 14.14 2.73
C TYR A 290 -12.59 13.57 1.31
N ARG A 291 -12.65 14.45 0.31
CA ARG A 291 -12.89 14.04 -1.06
C ARG A 291 -11.65 13.42 -1.70
N HIS A 292 -10.47 13.93 -1.35
CA HIS A 292 -9.25 13.57 -2.07
C HIS A 292 -8.27 12.78 -1.22
N LYS A 293 -7.93 13.25 -0.02
CA LYS A 293 -6.97 12.52 0.80
C LYS A 293 -7.58 11.26 1.40
N LEU A 294 -8.79 11.35 1.97
CA LEU A 294 -9.38 10.18 2.61
C LEU A 294 -9.61 9.04 1.63
N LEU A 295 -9.88 9.34 0.36
CA LEU A 295 -10.03 8.26 -0.62
C LEU A 295 -8.80 7.38 -0.62
N LYS A 296 -7.62 8.00 -0.70
CA LYS A 296 -6.39 7.22 -0.76
C LYS A 296 -6.07 6.57 0.59
N TRP A 297 -6.37 7.25 1.70
CA TRP A 297 -6.18 6.62 3.00
C TRP A 297 -7.10 5.42 3.17
N TRP A 298 -8.37 5.58 2.76
CA TRP A 298 -9.31 4.46 2.86
C TRP A 298 -8.85 3.29 2.01
N ALA A 299 -8.51 3.56 0.76
CA ALA A 299 -8.16 2.46 -0.14
C ALA A 299 -6.98 1.68 0.44
N GLN A 300 -5.98 2.39 0.95
CA GLN A 300 -4.76 1.75 1.41
C GLN A 300 -4.99 0.87 2.63
N SER A 301 -5.80 1.34 3.59
CA SER A 301 -6.00 0.53 4.78
C SER A 301 -7.18 -0.44 4.67
N PHE A 302 -8.14 -0.20 3.78
CA PHE A 302 -9.25 -1.13 3.66
C PHE A 302 -8.75 -2.47 3.15
N LEU A 303 -7.85 -2.45 2.18
CA LEU A 303 -7.43 -3.70 1.56
C LEU A 303 -6.83 -4.68 2.55
N PRO A 304 -5.84 -4.29 3.36
CA PRO A 304 -5.25 -5.23 4.33
C PRO A 304 -6.07 -5.40 5.61
N GLY A 305 -7.23 -4.75 5.72
CA GLY A 305 -8.02 -4.85 6.92
C GLY A 305 -7.46 -4.14 8.13
N VAL A 306 -6.71 -3.06 7.91
CA VAL A 306 -6.21 -2.25 9.01
C VAL A 306 -7.31 -1.29 9.44
N PRO A 307 -7.79 -1.35 10.68
CA PRO A 307 -9.03 -0.66 11.02
C PRO A 307 -8.89 0.80 11.42
N HIS A 308 -7.69 1.32 11.64
CA HIS A 308 -7.57 2.71 12.08
C HIS A 308 -6.40 3.39 11.39
N VAL A 309 -6.61 4.63 11.01
CA VAL A 309 -5.56 5.53 10.56
C VAL A 309 -5.48 6.66 11.58
N VAL A 310 -4.29 6.89 12.16
CA VAL A 310 -4.08 8.02 13.07
C VAL A 310 -3.33 9.10 12.32
N ALA A 311 -3.90 10.30 12.26
CA ALA A 311 -3.33 11.40 11.50
C ALA A 311 -2.75 12.44 12.45
N GLY A 312 -1.53 12.88 12.17
CA GLY A 312 -0.97 14.06 12.80
C GLY A 312 -1.12 15.22 11.85
N PHE A 313 -1.79 16.28 12.31
CA PHE A 313 -1.98 17.45 11.49
C PHE A 313 -0.85 18.42 11.77
N ARG A 314 -0.14 18.80 10.73
CA ARG A 314 1.06 19.59 10.87
C ARG A 314 0.77 21.02 10.45
N ASN A 315 1.42 21.95 11.13
CA ASN A 315 1.31 23.37 10.79
C ASN A 315 2.38 23.72 9.77
N PRO A 316 2.32 24.94 9.20
CA PRO A 316 3.26 25.29 8.13
C PRO A 316 4.70 25.27 8.59
N GLU A 317 4.94 25.42 9.88
CA GLU A 317 6.29 25.36 10.44
C GLU A 317 6.77 23.93 10.64
N GLY A 318 5.94 22.94 10.36
CA GLY A 318 6.35 21.55 10.38
C GLY A 318 6.20 20.85 11.71
N PHE A 319 5.33 21.34 12.60
CA PHE A 319 5.04 20.71 13.86
C PHE A 319 3.67 20.04 13.80
N VAL A 320 3.58 18.85 14.38
CA VAL A 320 2.28 18.22 14.59
C VAL A 320 1.74 18.72 15.91
N CYS A 321 0.61 19.41 15.87
CA CYS A 321 0.02 19.93 17.09
C CYS A 321 -1.40 19.44 17.31
N SER A 322 -1.85 18.44 16.54
CA SER A 322 -3.17 17.85 16.64
C SER A 322 -3.12 16.41 16.15
N LEU A 323 -3.89 15.53 16.79
CA LEU A 323 -3.98 14.13 16.38
C LEU A 323 -5.46 13.77 16.23
N LYS A 324 -5.77 12.98 15.21
CA LYS A 324 -7.14 12.51 15.02
C LYS A 324 -7.11 11.08 14.52
N THR A 325 -8.01 10.26 15.05
CA THR A 325 -8.14 8.87 14.64
C THR A 325 -9.28 8.78 13.61
N PHE A 326 -8.99 8.18 12.46
CA PHE A 326 -10.00 7.91 11.44
C PHE A 326 -10.20 6.40 11.33
N PRO A 327 -11.27 5.84 11.89
CA PRO A 327 -11.56 4.42 11.64
C PRO A 327 -11.81 4.18 10.15
N THR A 328 -11.14 3.16 9.61
CA THR A 328 -11.25 2.89 8.17
C THR A 328 -12.69 2.69 7.74
N MET A 329 -13.47 1.94 8.51
CA MET A 329 -14.83 1.64 8.09
C MET A 329 -15.75 2.84 8.22
N GLU A 330 -15.29 3.96 8.78
CA GLU A 330 -16.09 5.17 8.88
C GLU A 330 -15.61 6.28 7.95
N MET A 331 -14.55 6.06 7.17
CA MET A 331 -14.06 7.14 6.33
C MET A 331 -15.10 7.54 5.29
N PHE A 332 -15.79 6.57 4.69
CA PHE A 332 -16.79 6.87 3.67
C PHE A 332 -17.93 7.74 4.20
N GLU A 333 -18.20 7.70 5.50
CA GLU A 333 -19.30 8.49 6.04
C GLU A 333 -19.13 9.97 5.72
N ASN A 334 -17.87 10.42 5.61
CA ASN A 334 -17.62 11.84 5.37
C ASN A 334 -17.99 12.28 3.96
N VAL A 335 -18.20 11.35 3.03
CA VAL A 335 -18.57 11.73 1.66
C VAL A 335 -19.83 11.02 1.14
N ARG A 336 -20.55 10.30 2.01
CA ARG A 336 -21.63 9.42 1.54
C ARG A 336 -22.72 10.18 0.81
N ASN A 337 -23.09 11.36 1.30
CA ASN A 337 -24.09 12.18 0.62
C ASN A 337 -23.44 13.39 -0.02
N ASP A 338 -22.27 13.18 -0.61
CA ASP A 338 -21.48 14.24 -1.21
C ASP A 338 -21.50 14.06 -2.72
N ARG A 339 -22.02 15.06 -3.45
CA ARG A 339 -22.09 14.98 -4.91
C ARG A 339 -20.71 14.85 -5.53
N GLU A 340 -19.69 15.37 -4.86
CA GLU A 340 -18.32 15.30 -5.37
C GLU A 340 -17.49 14.26 -4.62
N GLY A 341 -18.15 13.33 -3.92
CA GLY A 341 -17.44 12.35 -3.13
C GLY A 341 -17.06 11.14 -3.96
N TRP A 342 -16.39 10.21 -3.28
CA TRP A 342 -15.99 8.94 -3.85
C TRP A 342 -16.86 7.84 -3.27
N ASN A 343 -16.87 6.70 -3.95
CA ASN A 343 -17.77 5.60 -3.60
C ASN A 343 -16.95 4.33 -3.53
N PRO A 344 -16.79 3.73 -2.34
CA PRO A 344 -15.99 2.50 -2.25
C PRO A 344 -16.44 1.44 -3.23
N SER A 345 -17.74 1.38 -3.55
CA SER A 345 -18.20 0.38 -4.51
C SER A 345 -17.57 0.58 -5.88
N VAL A 346 -17.44 1.84 -6.32
CA VAL A 346 -16.79 2.13 -7.60
C VAL A 346 -15.34 1.65 -7.58
N CYS A 347 -14.64 1.93 -6.49
CA CYS A 347 -13.23 1.53 -6.38
C CYS A 347 -13.10 0.02 -6.53
N MET A 348 -13.91 -0.72 -5.79
CA MET A 348 -13.78 -2.17 -5.75
C MET A 348 -14.32 -2.81 -7.02
N ASN A 349 -15.44 -2.29 -7.53
CA ASN A 349 -15.95 -2.85 -8.79
C ASN A 349 -14.99 -2.61 -9.94
N PHE A 350 -14.32 -1.45 -9.99
CA PHE A 350 -13.32 -1.28 -11.05
C PHE A 350 -12.16 -2.22 -10.84
N CYS A 351 -11.69 -2.36 -9.60
CA CYS A 351 -10.56 -3.24 -9.38
C CYS A 351 -10.92 -4.68 -9.75
N ALA A 352 -12.14 -5.12 -9.41
CA ALA A 352 -12.54 -6.46 -9.83
C ALA A 352 -12.56 -6.58 -11.35
N ALA A 353 -13.03 -5.54 -12.04
CA ALA A 353 -13.07 -5.58 -13.49
C ALA A 353 -11.68 -5.63 -14.08
N PHE A 354 -10.74 -4.92 -13.44
CA PHE A 354 -9.36 -4.98 -13.92
C PHE A 354 -8.78 -6.37 -13.76
N LEU A 355 -9.05 -7.02 -12.61
CA LEU A 355 -8.51 -8.37 -12.41
C LEU A 355 -9.09 -9.35 -13.42
N SER A 356 -10.39 -9.23 -13.70
N SER A 356 -10.39 -9.23 -13.70
CA SER A 356 -10.99 -10.07 -14.75
CA SER A 356 -10.98 -10.07 -14.74
C SER A 356 -10.33 -9.79 -16.10
C SER A 356 -10.36 -9.79 -16.11
N PHE A 357 -10.16 -8.51 -16.41
CA PHE A 357 -9.52 -8.11 -17.66
C PHE A 357 -8.09 -8.64 -17.75
N ALA A 358 -7.31 -8.49 -16.68
CA ALA A 358 -5.94 -8.98 -16.71
C ALA A 358 -5.91 -10.50 -16.84
N GLN A 359 -6.75 -11.19 -16.07
CA GLN A 359 -6.76 -12.66 -16.12
C GLN A 359 -7.12 -13.18 -17.51
N SER A 360 -8.13 -12.58 -18.15
N SER A 360 -8.13 -12.58 -18.15
CA SER A 360 -8.49 -13.06 -19.49
CA SER A 360 -8.51 -13.03 -19.48
C SER A 360 -7.53 -12.60 -20.56
C SER A 360 -7.47 -12.64 -20.53
N THR A 361 -6.75 -11.54 -20.30
CA THR A 361 -5.78 -11.06 -21.28
C THR A 361 -4.51 -11.91 -21.25
N VAL A 362 -4.08 -12.31 -20.06
CA VAL A 362 -2.79 -13.01 -19.89
C VAL A 362 -3.10 -14.51 -19.94
N VAL A 363 -3.18 -15.05 -21.17
CA VAL A 363 -3.45 -16.47 -21.34
C VAL A 363 -2.17 -17.29 -21.21
N GLN A 364 -1.07 -16.79 -21.75
CA GLN A 364 0.15 -17.58 -21.77
C GLN A 364 0.79 -17.67 -20.39
N ASP A 365 1.06 -18.90 -19.96
CA ASP A 365 1.85 -19.17 -18.76
C ASP A 365 3.32 -19.13 -19.15
N ASP A 366 4.03 -18.10 -18.68
CA ASP A 366 5.41 -17.87 -19.12
C ASP A 366 5.98 -16.75 -18.26
N PRO A 367 6.95 -17.03 -17.39
CA PRO A 367 7.47 -15.98 -16.50
C PRO A 367 8.36 -14.97 -17.20
N ARG A 368 8.71 -15.20 -18.47
CA ARG A 368 9.53 -14.27 -19.24
C ARG A 368 8.69 -13.36 -20.11
N LEU A 369 7.37 -13.52 -20.10
CA LEU A 369 6.45 -12.74 -20.92
C LEU A 369 5.74 -11.74 -20.03
N VAL A 370 5.57 -10.52 -20.52
CA VAL A 370 4.89 -9.46 -19.77
C VAL A 370 3.78 -8.89 -20.63
N HIS A 371 2.60 -8.80 -20.05
CA HIS A 371 1.55 -7.96 -20.59
C HIS A 371 1.56 -6.69 -19.74
N LEU A 372 1.86 -5.58 -20.40
CA LEU A 372 1.97 -4.31 -19.72
C LEU A 372 0.63 -3.59 -19.83
N PHE A 373 0.00 -3.31 -18.69
CA PHE A 373 -1.24 -2.56 -18.62
C PHE A 373 -0.92 -1.11 -18.31
N SER A 374 -1.28 -0.22 -19.23
CA SER A 374 -0.95 1.20 -19.18
C SER A 374 -2.23 2.01 -19.00
N TRP A 375 -2.16 3.04 -18.16
CA TRP A 375 -3.34 3.89 -17.96
C TRP A 375 -2.92 5.32 -17.68
N GLU A 376 -3.63 6.26 -18.30
CA GLU A 376 -3.47 7.68 -18.08
C GLU A 376 -4.84 8.30 -17.85
N PRO A 377 -4.94 9.31 -16.98
CA PRO A 377 -6.22 9.98 -16.77
C PRO A 377 -6.85 10.35 -18.10
N GLY A 378 -8.16 10.11 -18.21
CA GLY A 378 -8.88 10.46 -19.41
C GLY A 378 -8.91 9.40 -20.50
N GLY A 379 -8.32 8.23 -20.25
CA GLY A 379 -8.33 7.16 -21.21
C GLY A 379 -8.63 5.82 -20.57
N PRO A 380 -8.71 4.77 -21.39
CA PRO A 380 -8.89 3.42 -20.87
C PRO A 380 -7.54 2.80 -20.55
N VAL A 381 -7.59 1.65 -19.85
CA VAL A 381 -6.39 0.85 -19.68
C VAL A 381 -6.10 0.12 -20.98
N THR A 382 -4.86 0.21 -21.45
CA THR A 382 -4.46 -0.40 -22.70
C THR A 382 -3.36 -1.43 -22.42
N VAL A 383 -3.10 -2.29 -23.40
CA VAL A 383 -2.26 -3.47 -23.20
C VAL A 383 -1.22 -3.53 -24.31
N SER A 384 0.02 -3.84 -23.93
CA SER A 384 1.09 -4.13 -24.89
C SER A 384 1.87 -5.31 -24.35
N VAL A 385 2.53 -6.06 -25.24
CA VAL A 385 3.13 -7.34 -24.87
C VAL A 385 4.64 -7.28 -25.11
N HIS A 386 5.40 -7.82 -24.15
CA HIS A 386 6.85 -7.69 -24.15
C HIS A 386 7.47 -8.95 -23.58
N ARG A 387 8.68 -9.28 -24.05
CA ARG A 387 9.41 -10.44 -23.58
C ARG A 387 10.74 -10.01 -22.97
N ASP A 388 11.13 -10.66 -21.88
CA ASP A 388 12.48 -10.52 -21.29
C ASP A 388 12.75 -9.06 -20.87
N ALA A 389 14.00 -8.62 -20.90
CA ALA A 389 14.33 -7.31 -20.37
C ALA A 389 13.79 -6.20 -21.26
N PRO A 390 13.41 -5.06 -20.68
CA PRO A 390 13.51 -4.75 -19.25
C PRO A 390 12.27 -5.08 -18.41
N TYR A 391 11.15 -5.46 -19.03
CA TYR A 391 9.90 -5.53 -18.29
C TYR A 391 9.78 -6.81 -17.47
N ALA A 392 10.34 -7.93 -17.94
CA ALA A 392 10.22 -9.18 -17.21
C ALA A 392 10.75 -9.02 -15.78
N PHE A 393 9.97 -9.47 -14.80
CA PHE A 393 10.29 -9.14 -13.41
C PHE A 393 10.37 -10.33 -12.47
N LEU A 394 9.96 -11.54 -12.90
CA LEU A 394 10.14 -12.75 -12.09
C LEU A 394 11.59 -13.24 -12.19
N PRO A 395 12.34 -13.30 -11.09
CA PRO A 395 13.77 -13.63 -11.16
C PRO A 395 13.98 -15.13 -11.26
N SER A 396 15.12 -15.49 -11.88
CA SER A 396 15.43 -16.91 -12.05
C SER A 396 15.46 -17.65 -10.72
N TRP A 397 15.93 -17.00 -9.64
CA TRP A 397 15.99 -17.72 -8.37
C TRP A 397 14.61 -18.15 -7.89
N TYR A 398 13.59 -17.38 -8.23
CA TYR A 398 12.23 -17.76 -7.88
C TYR A 398 11.70 -18.81 -8.84
N VAL A 399 11.83 -18.55 -10.15
CA VAL A 399 11.30 -19.43 -11.19
C VAL A 399 11.91 -20.81 -11.11
N GLU A 400 13.25 -20.88 -10.94
CA GLU A 400 13.89 -22.18 -10.91
C GLU A 400 13.46 -23.00 -9.70
N THR A 401 13.40 -22.37 -8.51
CA THR A 401 12.94 -23.10 -7.33
C THR A 401 11.51 -23.58 -7.50
N MET A 402 10.63 -22.70 -7.99
CA MET A 402 9.23 -23.10 -8.12
C MET A 402 9.05 -24.21 -9.15
N THR A 403 9.83 -24.17 -10.23
CA THR A 403 9.69 -25.20 -11.26
C THR A 403 10.18 -26.56 -10.78
N GLN A 404 11.19 -26.59 -9.91
CA GLN A 404 11.73 -27.87 -9.46
C GLN A 404 10.83 -28.54 -8.43
#